data_7A1E
#
_entry.id   7A1E
#
_cell.length_a   50.309
_cell.length_b   74.873
_cell.length_c   67.764
_cell.angle_alpha   90.000
_cell.angle_beta   111.520
_cell.angle_gamma   90.000
#
_symmetry.space_group_name_H-M   'P 1 21 1'
#
loop_
_entity.id
_entity.type
_entity.pdbx_description
1 polymer 'L,D-transpeptidase 2'
2 non-polymer phenylmethanethiol
3 non-polymer 'ACETATE ION'
4 water water
#
_entity_poly.entity_id   1
_entity_poly.type   'polypeptide(L)'
_entity_poly.pdbx_seq_one_letter_code
;HLTMPYVMPGDGEVVGVGEPVAIRFDENIADRGAAEKAIKITTNPPVEGAFYWLNNREVRWRPEHFWKPGTAVDVAVNTY
GVDLGEGMFGEDNVQTHFTIGDEVIATADDNTKILTVRVNGEVVKSMPTSMGKDSTPTANGIYIVGSRYKHIIMDSSTYG
VPVNSPNGYRTDVDWATQISYSGVFVHSAPWSVGAQGHTNTSHGCLNVSPSNAQWFYDHVKRGDIVEVVNTVGGTLPGID
GLGDWNIPWDQWRAGNAKA
;
_entity_poly.pdbx_strand_id   A,B
#
# COMPACT_ATOMS: atom_id res chain seq x y z
N HIS A 1 4.81 -14.72 -12.84
CA HIS A 1 5.42 -14.26 -11.55
C HIS A 1 5.38 -12.71 -11.64
N LEU A 2 4.45 -12.15 -10.90
CA LEU A 2 4.27 -10.74 -10.78
C LEU A 2 4.67 -10.26 -9.40
N THR A 3 5.10 -9.00 -9.34
CA THR A 3 5.31 -8.39 -8.04
C THR A 3 4.70 -7.02 -8.06
N MET A 4 4.05 -6.67 -6.95
CA MET A 4 3.32 -5.44 -6.84
C MET A 4 4.15 -4.48 -6.03
N PRO A 5 4.36 -3.27 -6.55
CA PRO A 5 4.92 -2.16 -5.75
C PRO A 5 3.90 -1.44 -4.89
N TYR A 6 4.34 -0.98 -3.72
CA TYR A 6 3.51 -0.19 -2.83
C TYR A 6 4.38 1.01 -2.41
N VAL A 7 3.85 2.21 -2.60
CA VAL A 7 4.62 3.41 -2.30
C VAL A 7 4.13 4.03 -1.04
N MET A 8 5.06 4.46 -0.19
N MET A 8 5.06 4.47 -0.20
CA MET A 8 4.80 5.31 0.96
CA MET A 8 4.75 5.29 0.97
C MET A 8 5.66 6.57 0.83
C MET A 8 5.66 6.54 0.87
N PRO A 9 5.18 7.71 1.35
CA PRO A 9 3.90 7.93 2.03
C PRO A 9 2.71 7.91 1.05
N GLY A 10 1.49 7.96 1.60
CA GLY A 10 0.33 7.87 0.76
C GLY A 10 0.06 9.11 -0.10
N ASP A 11 -0.64 8.88 -1.22
CA ASP A 11 -1.05 9.96 -2.11
C ASP A 11 -1.85 11.01 -1.39
N GLY A 12 -1.41 12.25 -1.50
CA GLY A 12 -2.14 13.38 -0.83
C GLY A 12 -1.69 13.67 0.58
N GLU A 13 -0.81 12.86 1.14
CA GLU A 13 -0.32 13.08 2.50
C GLU A 13 0.59 14.27 2.61
N VAL A 14 0.63 14.79 3.82
CA VAL A 14 1.64 15.73 4.24
C VAL A 14 2.49 15.01 5.25
N VAL A 15 3.79 15.10 5.07
CA VAL A 15 4.75 14.37 5.93
C VAL A 15 5.83 15.26 6.37
N GLY A 16 6.56 14.82 7.41
CA GLY A 16 7.66 15.61 7.90
C GLY A 16 8.92 15.61 7.03
N VAL A 17 9.86 16.44 7.43
CA VAL A 17 11.09 16.69 6.69
C VAL A 17 12.05 15.52 6.63
N GLY A 18 11.74 14.48 7.40
CA GLY A 18 12.55 13.29 7.42
C GLY A 18 12.03 12.13 6.57
N GLU A 19 10.87 12.30 5.91
CA GLU A 19 10.20 11.18 5.31
C GLU A 19 10.89 10.80 4.03
N PRO A 20 11.42 9.56 3.96
CA PRO A 20 11.89 9.06 2.66
C PRO A 20 10.76 8.63 1.79
N VAL A 21 11.01 8.62 0.47
CA VAL A 21 10.12 7.83 -0.40
C VAL A 21 10.42 6.39 -0.18
N ALA A 22 9.39 5.55 -0.04
CA ALA A 22 9.66 4.13 0.06
C ALA A 22 8.90 3.40 -1.04
N ILE A 23 9.56 2.48 -1.71
CA ILE A 23 8.87 1.61 -2.65
C ILE A 23 9.14 0.21 -2.21
N ARG A 24 8.08 -0.51 -1.85
CA ARG A 24 8.23 -1.79 -1.20
C ARG A 24 7.50 -2.80 -2.05
N PHE A 25 8.16 -3.91 -2.39
CA PHE A 25 7.59 -4.92 -3.27
C PHE A 25 7.20 -6.14 -2.44
N ASP A 26 6.23 -6.92 -2.96
CA ASP A 26 5.76 -8.09 -2.22
C ASP A 26 6.53 -9.33 -2.62
N GLU A 27 7.60 -9.17 -3.42
CA GLU A 27 8.57 -10.24 -3.68
C GLU A 27 10.00 -9.71 -3.70
N ASN A 28 10.97 -10.57 -3.47
CA ASN A 28 12.39 -10.18 -3.58
C ASN A 28 12.69 -9.74 -5.00
N ILE A 29 13.43 -8.62 -5.12
CA ILE A 29 13.75 -8.03 -6.40
C ILE A 29 15.13 -8.53 -6.77
N ALA A 30 15.21 -9.29 -7.83
CA ALA A 30 16.52 -9.86 -8.29
C ALA A 30 17.39 -8.80 -8.96
N ASP A 31 16.80 -7.84 -9.65
CA ASP A 31 17.61 -6.82 -10.33
C ASP A 31 17.25 -5.45 -9.77
N ARG A 32 17.99 -5.06 -8.73
CA ARG A 32 17.70 -3.76 -8.04
C ARG A 32 17.85 -2.62 -9.01
N GLY A 33 18.86 -2.68 -9.88
CA GLY A 33 19.07 -1.60 -10.85
C GLY A 33 17.88 -1.40 -11.80
N ALA A 34 17.23 -2.49 -12.19
CA ALA A 34 16.03 -2.45 -13.02
C ALA A 34 14.89 -1.73 -12.30
N ALA A 35 14.75 -2.02 -11.00
CA ALA A 35 13.72 -1.35 -10.22
C ALA A 35 14.04 0.13 -10.11
N GLU A 36 15.29 0.44 -9.79
CA GLU A 36 15.68 1.85 -9.66
C GLU A 36 15.38 2.68 -10.95
N LYS A 37 15.77 2.14 -12.11
CA LYS A 37 15.56 2.81 -13.41
C LYS A 37 14.07 3.01 -13.73
N ALA A 38 13.23 2.17 -13.17
CA ALA A 38 11.79 2.33 -13.39
C ALA A 38 11.08 3.31 -12.47
N ILE A 39 11.80 3.91 -11.53
CA ILE A 39 11.21 4.81 -10.56
C ILE A 39 11.73 6.23 -10.73
N LYS A 40 10.82 7.15 -11.00
CA LYS A 40 11.16 8.52 -11.28
C LYS A 40 10.53 9.43 -10.25
N ILE A 41 11.37 10.17 -9.57
CA ILE A 41 10.95 11.10 -8.53
C ILE A 41 11.16 12.55 -8.95
N THR A 42 10.09 13.31 -8.91
CA THR A 42 10.12 14.72 -9.21
C THR A 42 9.91 15.55 -7.96
N THR A 43 10.76 16.57 -7.79
CA THR A 43 10.72 17.42 -6.62
C THR A 43 10.55 18.87 -7.02
N ASN A 44 9.76 19.58 -6.23
CA ASN A 44 9.64 21.03 -6.41
C ASN A 44 9.55 21.74 -5.06
N PRO A 45 10.50 22.58 -4.68
CA PRO A 45 11.75 22.85 -5.38
C PRO A 45 12.64 21.61 -5.62
N PRO A 46 13.31 21.57 -6.79
CA PRO A 46 14.14 20.43 -7.17
C PRO A 46 15.31 20.19 -6.26
N VAL A 47 15.46 18.94 -5.82
CA VAL A 47 16.54 18.52 -5.00
C VAL A 47 17.08 17.19 -5.49
N GLU A 48 18.39 17.01 -5.37
CA GLU A 48 18.99 15.73 -5.70
C GLU A 48 18.59 14.70 -4.64
N GLY A 49 18.39 13.48 -5.07
CA GLY A 49 18.24 12.41 -4.12
C GLY A 49 18.82 11.15 -4.67
N ALA A 50 18.75 10.08 -3.91
CA ALA A 50 19.34 8.83 -4.33
C ALA A 50 18.60 7.64 -3.67
N PHE A 51 18.70 6.50 -4.34
CA PHE A 51 18.12 5.22 -3.87
C PHE A 51 19.09 4.41 -3.00
N TYR A 52 18.53 3.78 -1.96
CA TYR A 52 19.24 2.86 -1.07
C TYR A 52 18.30 1.79 -0.60
N TRP A 53 18.73 0.55 -0.72
CA TRP A 53 17.84 -0.58 -0.36
C TRP A 53 17.98 -0.98 1.12
N LEU A 54 16.87 -1.11 1.78
CA LEU A 54 16.85 -1.51 3.20
C LEU A 54 16.93 -3.00 3.33
N ASN A 55 16.46 -3.67 2.30
CA ASN A 55 16.45 -5.14 2.23
C ASN A 55 16.06 -5.50 0.81
N ASN A 56 15.82 -6.79 0.54
CA ASN A 56 15.55 -7.20 -0.83
C ASN A 56 14.21 -6.80 -1.43
N ARG A 57 13.32 -6.30 -0.58
CA ARG A 57 12.00 -5.92 -0.98
C ARG A 57 11.67 -4.44 -0.87
N GLU A 58 12.56 -3.63 -0.36
CA GLU A 58 12.17 -2.24 -0.12
C GLU A 58 13.37 -1.34 -0.41
N VAL A 59 13.12 -0.35 -1.24
CA VAL A 59 14.11 0.67 -1.56
C VAL A 59 13.60 1.98 -1.07
N ARG A 60 14.52 2.84 -0.69
CA ARG A 60 14.19 4.13 -0.18
C ARG A 60 14.87 5.17 -1.04
N TRP A 61 14.23 6.34 -1.15
CA TRP A 61 14.89 7.47 -1.79
C TRP A 61 14.75 8.70 -0.97
N ARG A 62 15.86 9.41 -0.77
CA ARG A 62 15.81 10.65 -0.04
C ARG A 62 16.91 11.57 -0.53
N PRO A 63 16.82 12.85 -0.16
CA PRO A 63 17.94 13.78 -0.37
C PRO A 63 19.05 13.70 0.66
N GLU A 64 20.11 14.49 0.42
CA GLU A 64 21.24 14.58 1.32
C GLU A 64 20.89 15.11 2.74
N HIS A 65 20.00 16.10 2.74
CA HIS A 65 19.53 16.74 3.91
C HIS A 65 18.05 16.61 4.02
N PHE A 66 17.54 16.88 5.22
CA PHE A 66 16.08 16.89 5.42
C PHE A 66 15.42 17.71 4.36
N TRP A 67 14.21 17.36 4.01
CA TRP A 67 13.49 18.03 2.98
C TRP A 67 13.22 19.51 3.39
N LYS A 68 13.13 20.38 2.39
CA LYS A 68 12.66 21.74 2.64
C LYS A 68 11.17 21.72 2.82
N PRO A 69 10.67 22.34 3.92
CA PRO A 69 9.22 22.43 4.12
C PRO A 69 8.50 23.04 2.89
N GLY A 70 7.32 22.54 2.59
CA GLY A 70 6.54 22.83 1.44
C GLY A 70 6.88 22.12 0.15
N THR A 71 7.99 21.38 0.11
CA THR A 71 8.35 20.64 -1.10
C THR A 71 7.26 19.72 -1.53
N ALA A 72 6.98 19.72 -2.83
CA ALA A 72 6.04 18.84 -3.43
C ALA A 72 6.78 17.76 -4.13
N VAL A 73 6.36 16.53 -3.92
CA VAL A 73 7.10 15.35 -4.43
C VAL A 73 6.14 14.49 -5.21
N ASP A 74 6.55 14.08 -6.40
CA ASP A 74 5.80 13.17 -7.21
C ASP A 74 6.63 11.96 -7.45
N VAL A 75 6.02 10.82 -7.22
CA VAL A 75 6.67 9.53 -7.38
C VAL A 75 6.00 8.70 -8.46
N ALA A 76 6.74 8.42 -9.50
CA ALA A 76 6.25 7.59 -10.61
C ALA A 76 6.94 6.28 -10.61
N VAL A 77 6.24 5.26 -10.18
CA VAL A 77 6.82 3.88 -10.18
C VAL A 77 6.25 3.21 -11.42
N ASN A 78 7.03 3.23 -12.49
CA ASN A 78 6.62 2.77 -13.82
C ASN A 78 7.06 1.35 -14.07
N THR A 79 6.51 0.44 -13.27
CA THR A 79 6.99 -0.95 -13.20
C THR A 79 6.13 -1.94 -13.94
N TYR A 80 4.96 -1.48 -14.45
CA TYR A 80 4.05 -2.40 -15.17
C TYR A 80 4.79 -3.03 -16.35
N GLY A 81 4.82 -4.37 -16.39
CA GLY A 81 5.47 -5.12 -17.45
C GLY A 81 6.99 -5.08 -17.46
N VAL A 82 7.59 -4.43 -16.46
CA VAL A 82 9.08 -4.31 -16.43
C VAL A 82 9.65 -5.58 -15.82
N ASP A 83 10.73 -6.11 -16.43
CA ASP A 83 11.45 -7.26 -15.97
C ASP A 83 12.36 -6.86 -14.79
N LEU A 84 12.02 -7.35 -13.63
CA LEU A 84 12.75 -7.08 -12.40
C LEU A 84 13.71 -8.25 -12.08
N GLY A 85 14.03 -9.05 -13.08
CA GLY A 85 14.98 -10.14 -12.95
C GLY A 85 14.39 -11.45 -12.55
N GLU A 86 15.06 -12.56 -12.92
CA GLU A 86 14.60 -13.92 -12.58
C GLU A 86 13.15 -14.17 -13.04
N GLY A 87 12.84 -13.64 -14.22
CA GLY A 87 11.50 -13.63 -14.80
C GLY A 87 10.38 -13.01 -13.96
N MET A 88 10.70 -12.05 -13.10
CA MET A 88 9.63 -11.42 -12.34
C MET A 88 9.25 -10.10 -12.95
N PHE A 89 7.94 -9.86 -13.16
CA PHE A 89 7.51 -8.65 -13.81
C PHE A 89 6.68 -7.81 -12.88
N GLY A 90 6.76 -6.51 -13.13
CA GLY A 90 6.00 -5.57 -12.33
C GLY A 90 4.53 -5.67 -12.71
N GLU A 91 3.72 -5.71 -11.68
CA GLU A 91 2.29 -6.01 -11.81
C GLU A 91 1.48 -4.79 -12.24
N ASP A 92 1.95 -3.59 -11.86
CA ASP A 92 1.24 -2.35 -12.11
C ASP A 92 2.24 -1.18 -11.94
N ASN A 93 1.79 -0.01 -12.29
CA ASN A 93 2.42 1.22 -11.91
C ASN A 93 1.78 1.76 -10.65
N VAL A 94 2.48 2.67 -10.00
CA VAL A 94 1.91 3.47 -8.91
C VAL A 94 2.39 4.91 -9.13
N GLN A 95 1.51 5.84 -8.81
CA GLN A 95 1.77 7.28 -9.03
C GLN A 95 1.26 7.94 -7.79
N THR A 96 2.14 8.63 -7.08
CA THR A 96 1.88 9.24 -5.77
C THR A 96 2.42 10.65 -5.66
N HIS A 97 1.65 11.52 -5.03
CA HIS A 97 2.03 12.89 -4.83
C HIS A 97 1.90 13.16 -3.33
N PHE A 98 2.84 13.86 -2.77
CA PHE A 98 2.81 14.26 -1.35
C PHE A 98 3.57 15.53 -1.16
N THR A 99 3.44 16.13 0.03
CA THR A 99 4.07 17.37 0.32
C THR A 99 4.73 17.35 1.70
N ILE A 100 5.81 18.09 1.82
CA ILE A 100 6.56 18.18 3.06
C ILE A 100 5.91 19.26 3.92
N GLY A 101 5.65 18.93 5.19
CA GLY A 101 5.09 19.90 6.10
C GLY A 101 6.11 20.75 6.80
N ASP A 102 5.73 21.30 7.97
CA ASP A 102 6.62 22.10 8.72
C ASP A 102 7.81 21.30 9.20
N GLU A 103 8.90 21.96 9.40
CA GLU A 103 10.06 21.37 9.97
C GLU A 103 9.85 21.10 11.50
N VAL A 104 9.74 19.83 11.86
CA VAL A 104 9.52 19.42 13.27
C VAL A 104 10.61 18.49 13.65
N ILE A 105 11.50 19.00 14.49
CA ILE A 105 12.63 18.26 14.98
C ILE A 105 12.59 18.24 16.51
N ALA A 106 12.46 17.04 17.09
CA ALA A 106 12.51 16.91 18.53
C ALA A 106 13.78 16.24 18.97
N THR A 107 14.55 16.87 19.85
CA THR A 107 15.79 16.36 20.27
C THR A 107 15.72 15.91 21.75
N ALA A 108 16.03 14.64 22.01
CA ALA A 108 16.16 14.12 23.38
C ALA A 108 17.61 14.04 23.77
N ASP A 109 18.00 14.89 24.73
CA ASP A 109 19.40 14.99 25.10
C ASP A 109 19.58 14.36 26.46
N ASP A 110 20.32 13.27 26.53
CA ASP A 110 20.48 12.52 27.75
C ASP A 110 21.24 13.36 28.83
N ASN A 111 22.07 14.33 28.44
CA ASN A 111 22.73 15.21 29.44
C ASN A 111 21.73 16.13 30.19
N THR A 112 20.61 16.50 29.54
CA THR A 112 19.60 17.31 30.17
C THR A 112 18.35 16.49 30.57
N LYS A 113 18.21 15.31 29.97
CA LYS A 113 16.98 14.50 30.03
C LYS A 113 15.72 15.27 29.72
N ILE A 114 15.79 16.10 28.64
CA ILE A 114 14.71 16.85 28.15
C ILE A 114 14.58 16.54 26.63
N LEU A 115 13.35 16.36 26.21
CA LEU A 115 12.96 16.22 24.82
C LEU A 115 12.40 17.54 24.36
N THR A 116 13.16 18.27 23.56
CA THR A 116 12.74 19.59 23.09
C THR A 116 12.17 19.51 21.67
N VAL A 117 10.93 19.94 21.47
CA VAL A 117 10.32 19.96 20.16
C VAL A 117 10.47 21.34 19.54
N ARG A 118 11.07 21.40 18.35
CA ARG A 118 11.24 22.66 17.61
C ARG A 118 10.48 22.60 16.34
N VAL A 119 9.70 23.65 16.10
CA VAL A 119 8.90 23.75 14.92
C VAL A 119 9.50 24.92 14.16
N ASN A 120 10.05 24.66 12.97
CA ASN A 120 10.71 25.71 12.18
C ASN A 120 11.70 26.53 12.99
N GLY A 121 12.49 25.85 13.82
CA GLY A 121 13.54 26.45 14.60
C GLY A 121 13.10 26.94 15.99
N GLU A 122 11.81 27.10 16.20
CA GLU A 122 11.26 27.61 17.47
C GLU A 122 10.84 26.47 18.46
N VAL A 123 11.33 26.55 19.69
CA VAL A 123 10.88 25.61 20.78
C VAL A 123 9.41 25.78 21.05
N VAL A 124 8.64 24.75 20.87
CA VAL A 124 7.23 24.76 21.21
C VAL A 124 6.93 23.92 22.44
N LYS A 125 7.76 22.91 22.71
CA LYS A 125 7.63 22.09 23.90
C LYS A 125 9.00 21.69 24.43
N SER A 126 9.08 21.62 25.76
CA SER A 126 10.22 21.07 26.46
C SER A 126 9.68 20.03 27.44
N MET A 127 9.90 18.76 27.10
CA MET A 127 9.33 17.62 27.82
C MET A 127 10.40 16.86 28.61
N PRO A 128 10.31 16.85 29.95
CA PRO A 128 11.22 15.96 30.66
C PRO A 128 11.01 14.55 30.20
N THR A 129 12.08 13.80 30.09
CA THR A 129 11.95 12.45 29.60
C THR A 129 12.78 11.49 30.42
N SER A 130 12.36 10.23 30.40
CA SER A 130 13.13 9.16 30.96
C SER A 130 13.36 8.18 29.84
N MET A 131 14.62 7.93 29.54
CA MET A 131 15.03 7.05 28.42
C MET A 131 15.54 5.73 28.93
N GLY A 132 16.11 4.93 28.06
CA GLY A 132 16.58 3.57 28.45
C GLY A 132 17.58 3.58 29.56
N LYS A 133 17.36 2.74 30.58
CA LYS A 133 18.36 2.60 31.65
C LYS A 133 19.67 2.04 31.06
N ASP A 134 20.76 2.12 31.84
CA ASP A 134 22.10 1.83 31.30
C ASP A 134 22.24 0.41 30.68
N SER A 135 21.52 -0.59 31.21
CA SER A 135 21.55 -1.93 30.65
C SER A 135 20.73 -2.11 29.40
N THR A 136 19.74 -1.25 29.19
CA THR A 136 18.93 -1.29 27.96
C THR A 136 18.81 0.18 27.43
N PRO A 137 19.89 0.76 26.95
CA PRO A 137 19.90 2.18 26.69
C PRO A 137 19.23 2.52 25.37
N THR A 138 18.81 3.77 25.22
CA THR A 138 18.29 4.28 23.96
C THR A 138 19.47 4.60 23.04
N ALA A 139 19.43 4.10 21.80
CA ALA A 139 20.50 4.42 20.86
C ALA A 139 20.49 5.90 20.48
N ASN A 140 21.66 6.48 20.30
CA ASN A 140 21.73 7.80 19.74
C ASN A 140 21.43 7.73 18.25
N GLY A 141 21.06 8.83 17.67
CA GLY A 141 20.92 8.94 16.22
C GLY A 141 19.65 9.68 15.83
N ILE A 142 19.35 9.60 14.54
CA ILE A 142 18.23 10.25 13.94
C ILE A 142 17.14 9.21 13.67
N TYR A 143 15.97 9.48 14.20
CA TYR A 143 14.83 8.59 14.10
C TYR A 143 13.75 9.29 13.32
N ILE A 144 13.16 8.58 12.37
CA ILE A 144 12.03 9.07 11.66
C ILE A 144 10.74 8.66 12.29
N VAL A 145 9.82 9.62 12.57
CA VAL A 145 8.51 9.28 13.15
C VAL A 145 7.70 8.47 12.22
N GLY A 146 7.14 7.37 12.73
CA GLY A 146 6.30 6.52 11.95
C GLY A 146 4.83 6.58 12.35
N SER A 147 4.29 5.43 12.70
CA SER A 147 2.90 5.32 13.05
C SER A 147 2.61 5.81 14.51
N ARG A 148 1.34 5.99 14.85
CA ARG A 148 0.96 6.40 16.20
C ARG A 148 -0.23 5.55 16.64
N TYR A 149 -0.36 5.37 17.93
CA TYR A 149 -1.37 4.48 18.54
C TYR A 149 -1.92 5.11 19.80
N LYS A 150 -3.25 5.22 19.93
CA LYS A 150 -3.78 5.78 21.18
C LYS A 150 -3.51 4.84 22.36
N HIS A 151 -3.47 3.55 22.08
CA HIS A 151 -3.18 2.58 23.09
C HIS A 151 -2.63 1.38 22.36
N ILE A 152 -1.59 0.81 22.89
CA ILE A 152 -0.96 -0.30 22.23
C ILE A 152 -0.33 -1.21 23.26
N ILE A 153 -0.41 -2.51 22.98
CA ILE A 153 0.24 -3.48 23.81
C ILE A 153 1.58 -3.78 23.15
N MET A 154 2.66 -3.59 23.88
CA MET A 154 3.98 -3.90 23.38
C MET A 154 4.42 -5.20 24.08
N ASP A 155 4.53 -6.26 23.29
CA ASP A 155 4.85 -7.56 23.77
C ASP A 155 6.08 -7.99 22.97
N SER A 156 7.16 -8.32 23.67
CA SER A 156 8.42 -8.71 23.05
C SER A 156 8.28 -9.93 22.18
N SER A 157 7.29 -10.78 22.43
CA SER A 157 7.17 -11.96 21.68
C SER A 157 6.78 -11.66 20.21
N THR A 158 6.27 -10.44 19.96
CA THR A 158 6.05 -9.94 18.62
C THR A 158 7.34 -10.00 17.84
N TYR A 159 8.48 -9.88 18.52
CA TYR A 159 9.83 -9.96 17.89
C TYR A 159 10.57 -11.25 18.11
N GLY A 160 9.85 -12.31 18.48
CA GLY A 160 10.46 -13.58 18.76
C GLY A 160 11.23 -13.61 20.07
N VAL A 161 10.97 -12.67 20.99
CA VAL A 161 11.72 -12.62 22.28
C VAL A 161 10.77 -12.96 23.41
N PRO A 162 10.90 -14.17 24.03
CA PRO A 162 10.02 -14.47 25.16
C PRO A 162 9.93 -13.37 26.22
N VAL A 163 8.72 -13.15 26.73
CA VAL A 163 8.49 -12.07 27.67
C VAL A 163 9.33 -12.35 28.93
N ASN A 164 9.34 -13.58 29.42
CA ASN A 164 10.08 -13.87 30.66
C ASN A 164 11.48 -14.37 30.32
N SER A 165 12.18 -13.52 29.62
CA SER A 165 13.55 -13.78 29.20
C SER A 165 14.28 -12.50 29.36
N PRO A 166 15.62 -12.50 29.29
CA PRO A 166 16.29 -11.25 29.60
C PRO A 166 15.90 -10.00 28.80
N ASN A 167 15.71 -10.15 27.51
CA ASN A 167 15.37 -9.01 26.68
C ASN A 167 13.85 -8.86 26.54
N GLY A 168 13.07 -9.62 27.31
CA GLY A 168 11.60 -9.65 27.16
C GLY A 168 10.85 -8.54 27.87
N TYR A 169 9.62 -8.31 27.48
CA TYR A 169 8.80 -7.25 28.09
C TYR A 169 7.40 -7.42 27.62
N ARG A 170 6.48 -6.91 28.43
CA ARG A 170 5.08 -6.87 28.05
C ARG A 170 4.37 -5.79 28.78
N THR A 171 3.92 -4.77 28.06
CA THR A 171 3.33 -3.62 28.71
C THR A 171 2.28 -3.05 27.80
N ASP A 172 1.38 -2.27 28.35
CA ASP A 172 0.48 -1.53 27.47
C ASP A 172 0.63 -0.10 27.81
N VAL A 173 0.60 0.71 26.78
CA VAL A 173 0.84 2.12 26.98
C VAL A 173 -0.09 2.95 26.16
N ASP A 174 -0.32 4.15 26.64
CA ASP A 174 -1.15 5.07 25.94
C ASP A 174 -0.27 6.08 25.11
N TRP A 175 -0.91 6.70 24.13
CA TRP A 175 -0.35 7.81 23.38
C TRP A 175 1.04 7.57 22.87
N ALA A 176 1.16 6.53 22.05
CA ALA A 176 2.47 6.01 21.59
C ALA A 176 2.81 6.46 20.20
N THR A 177 3.98 7.12 20.01
CA THR A 177 4.40 7.48 18.71
C THR A 177 5.64 6.63 18.36
N GLN A 178 5.56 5.85 17.28
CA GLN A 178 6.62 4.92 16.89
C GLN A 178 7.78 5.71 16.28
N ILE A 179 9.01 5.45 16.72
CA ILE A 179 10.19 6.11 16.08
C ILE A 179 11.27 5.15 15.58
N SER A 180 11.11 3.84 15.79
CA SER A 180 12.01 2.83 15.14
C SER A 180 11.25 1.55 14.99
N TYR A 181 11.58 0.80 13.93
CA TYR A 181 10.96 -0.53 13.75
C TYR A 181 11.45 -1.48 14.83
N SER A 182 12.57 -1.19 15.45
CA SER A 182 13.06 -2.00 16.56
C SER A 182 12.14 -1.94 17.79
N GLY A 183 11.27 -0.94 17.84
CA GLY A 183 10.27 -0.82 18.87
C GLY A 183 10.49 0.30 19.85
N VAL A 184 11.24 1.33 19.47
CA VAL A 184 11.33 2.54 20.26
C VAL A 184 10.14 3.45 20.01
N PHE A 185 9.52 3.94 21.08
CA PHE A 185 8.38 4.82 21.01
C PHE A 185 8.56 6.01 21.94
N VAL A 186 7.89 7.11 21.63
CA VAL A 186 7.59 8.14 22.60
C VAL A 186 6.22 7.77 23.12
N HIS A 187 6.05 7.66 24.43
CA HIS A 187 4.73 7.36 24.96
C HIS A 187 4.46 7.89 26.37
N SER A 188 3.19 7.80 26.78
CA SER A 188 2.80 8.24 28.11
C SER A 188 3.38 7.31 29.18
N ALA A 189 3.99 7.85 30.21
CA ALA A 189 4.51 7.01 31.28
C ALA A 189 4.24 7.71 32.61
N PRO A 190 2.98 7.61 33.08
CA PRO A 190 2.64 8.36 34.31
C PRO A 190 3.41 7.84 35.51
N TRP A 191 3.82 6.60 35.44
CA TRP A 191 4.55 5.93 36.51
C TRP A 191 6.01 6.38 36.62
N SER A 192 6.51 7.14 35.63
CA SER A 192 7.91 7.57 35.72
C SER A 192 8.07 9.05 35.66
N VAL A 193 7.01 9.78 35.96
CA VAL A 193 7.04 11.22 35.94
C VAL A 193 8.12 11.75 36.91
N GLY A 194 8.26 11.13 38.08
CA GLY A 194 9.29 11.54 39.06
C GLY A 194 10.68 11.47 38.44
N ALA A 195 10.96 10.36 37.74
CA ALA A 195 12.23 10.12 37.10
C ALA A 195 12.44 10.98 35.82
N GLN A 196 11.37 11.32 35.14
CA GLN A 196 11.51 12.10 33.89
C GLN A 196 12.24 13.40 34.18
N GLY A 197 13.33 13.63 33.45
CA GLY A 197 14.21 14.80 33.66
C GLY A 197 15.37 14.48 34.60
N HIS A 198 15.46 13.27 35.09
CA HIS A 198 16.42 12.94 36.17
C HIS A 198 17.12 11.66 35.96
N THR A 199 16.38 10.61 35.68
CA THR A 199 16.92 9.28 35.67
CA THR A 199 17.00 9.33 35.56
C THR A 199 16.32 8.47 34.52
N ASN A 200 17.14 7.65 33.87
CA ASN A 200 16.70 6.78 32.82
C ASN A 200 16.23 5.49 33.46
N THR A 201 14.96 5.16 33.22
CA THR A 201 14.34 4.00 33.84
C THR A 201 13.77 3.03 32.83
N SER A 202 13.74 3.35 31.52
CA SER A 202 12.95 2.54 30.61
C SER A 202 13.75 1.41 29.99
N HIS A 203 13.09 0.73 29.10
CA HIS A 203 13.67 -0.33 28.31
C HIS A 203 14.24 0.16 26.97
N GLY A 204 14.23 1.45 26.74
CA GLY A 204 14.64 2.03 25.52
C GLY A 204 13.74 3.11 25.02
N CYS A 205 12.44 3.02 25.35
CA CYS A 205 11.51 4.04 24.92
C CYS A 205 11.74 5.40 25.62
N LEU A 206 11.27 6.44 24.98
CA LEU A 206 11.20 7.75 25.56
C LEU A 206 9.93 7.96 26.35
N ASN A 207 10.02 7.84 27.70
CA ASN A 207 8.90 8.04 28.60
C ASN A 207 8.68 9.54 28.76
N VAL A 208 7.46 10.00 28.58
CA VAL A 208 7.12 11.39 28.93
C VAL A 208 5.80 11.41 29.68
N SER A 209 5.36 12.59 30.07
CA SER A 209 4.11 12.70 30.79
C SER A 209 2.89 12.39 29.93
N PRO A 210 1.78 12.02 30.58
CA PRO A 210 0.58 11.78 29.77
C PRO A 210 0.22 12.98 28.86
N SER A 211 0.25 14.19 29.40
CA SER A 211 -0.03 15.35 28.62
C SER A 211 0.96 15.58 27.45
N ASN A 212 2.23 15.40 27.74
CA ASN A 212 3.27 15.54 26.69
C ASN A 212 3.18 14.45 25.61
N ALA A 213 2.90 13.22 26.01
CA ALA A 213 2.74 12.13 25.09
C ALA A 213 1.51 12.32 24.21
N GLN A 214 0.41 12.76 24.81
CA GLN A 214 -0.75 13.11 24.02
C GLN A 214 -0.50 14.27 23.05
N TRP A 215 0.19 15.30 23.51
CA TRP A 215 0.60 16.37 22.64
C TRP A 215 1.40 15.84 21.42
N PHE A 216 2.36 14.98 21.70
CA PHE A 216 3.20 14.37 20.66
C PHE A 216 2.40 13.61 19.64
N TYR A 217 1.49 12.76 20.15
CA TYR A 217 0.55 12.04 19.35
C TYR A 217 -0.29 12.94 18.46
N ASP A 218 -0.75 14.06 19.02
CA ASP A 218 -1.63 14.97 18.30
C ASP A 218 -0.91 15.83 17.28
N HIS A 219 0.34 16.14 17.54
CA HIS A 219 0.99 17.21 16.80
C HIS A 219 2.25 16.83 15.99
N VAL A 220 2.87 15.72 16.33
CA VAL A 220 4.03 15.21 15.59
C VAL A 220 3.48 14.22 14.58
N LYS A 221 3.91 14.33 13.33
CA LYS A 221 3.35 13.51 12.25
C LYS A 221 4.42 12.63 11.60
N ARG A 222 3.92 11.68 10.84
CA ARG A 222 4.82 10.73 10.09
C ARG A 222 5.87 11.55 9.36
N GLY A 223 7.15 11.18 9.48
CA GLY A 223 8.20 11.86 8.78
C GLY A 223 8.85 12.95 9.57
N ASP A 224 8.23 13.43 10.65
CA ASP A 224 8.98 14.33 11.56
C ASP A 224 10.12 13.54 12.17
N ILE A 225 11.06 14.28 12.77
CA ILE A 225 12.30 13.73 13.21
C ILE A 225 12.45 13.77 14.71
N VAL A 226 12.91 12.67 15.29
CA VAL A 226 13.42 12.68 16.67
C VAL A 226 14.94 12.43 16.63
N GLU A 227 15.72 13.30 17.24
CA GLU A 227 17.13 13.00 17.40
C GLU A 227 17.43 12.69 18.86
N VAL A 228 18.12 11.62 19.09
CA VAL A 228 18.62 11.26 20.41
C VAL A 228 20.12 11.51 20.44
N VAL A 229 20.57 12.23 21.49
CA VAL A 229 21.97 12.56 21.63
C VAL A 229 22.42 12.36 23.05
N ASN A 230 23.70 12.02 23.18
CA ASN A 230 24.41 11.90 24.48
C ASN A 230 24.05 10.75 25.37
N THR A 231 23.31 9.74 24.85
CA THR A 231 23.10 8.54 25.66
C THR A 231 24.33 7.67 25.75
N VAL A 232 24.28 6.66 26.60
CA VAL A 232 25.38 5.68 26.72
C VAL A 232 25.20 4.53 25.71
N GLY A 233 24.20 4.64 24.85
CA GLY A 233 23.93 3.62 23.85
C GLY A 233 24.77 3.69 22.60
N GLY A 234 24.40 2.84 21.65
CA GLY A 234 25.08 2.84 20.36
C GLY A 234 24.39 3.80 19.43
N THR A 235 24.36 3.45 18.14
CA THR A 235 23.71 4.26 17.11
C THR A 235 22.63 3.44 16.46
N LEU A 236 21.49 4.08 16.23
CA LEU A 236 20.38 3.41 15.54
C LEU A 236 20.87 2.96 14.15
N PRO A 237 20.62 1.71 13.77
CA PRO A 237 21.01 1.21 12.48
C PRO A 237 20.34 1.92 11.33
N GLY A 238 21.16 2.14 10.32
CA GLY A 238 20.74 2.75 9.09
C GLY A 238 19.58 2.02 8.44
N ILE A 239 19.55 0.70 8.62
CA ILE A 239 18.52 -0.12 7.99
C ILE A 239 17.43 -0.57 8.92
N ASP A 240 17.27 0.15 10.03
CA ASP A 240 16.17 -0.14 10.98
C ASP A 240 14.84 -0.22 10.32
N GLY A 241 14.55 0.73 9.40
CA GLY A 241 13.23 0.92 8.88
C GLY A 241 12.86 2.41 9.03
N LEU A 242 13.29 3.03 10.15
CA LEU A 242 13.14 4.48 10.35
C LEU A 242 14.48 5.11 10.68
N GLY A 243 15.57 4.40 10.36
CA GLY A 243 16.89 4.93 10.65
C GLY A 243 17.76 5.42 9.48
N ASP A 244 17.10 5.70 8.37
CA ASP A 244 17.71 6.00 7.09
C ASP A 244 18.76 7.09 7.14
N TRP A 245 18.48 8.12 7.95
CA TRP A 245 19.40 9.26 8.06
C TRP A 245 20.69 9.01 8.78
N ASN A 246 20.81 7.86 9.45
CA ASN A 246 22.08 7.51 10.09
C ASN A 246 23.09 6.98 9.11
N ILE A 247 22.69 6.73 7.87
CA ILE A 247 23.66 6.35 6.85
C ILE A 247 24.19 7.65 6.27
N PRO A 248 25.51 7.87 6.31
CA PRO A 248 26.01 9.09 5.72
C PRO A 248 25.59 9.20 4.23
N TRP A 249 25.38 10.43 3.80
CA TRP A 249 25.00 10.68 2.41
C TRP A 249 25.96 10.09 1.41
N ASP A 250 27.27 10.13 1.65
CA ASP A 250 28.19 9.56 0.63
C ASP A 250 27.93 8.06 0.42
N GLN A 251 27.64 7.34 1.49
CA GLN A 251 27.30 5.96 1.40
C GLN A 251 25.92 5.71 0.78
N TRP A 252 24.95 6.46 1.24
CA TRP A 252 23.59 6.38 0.71
C TRP A 252 23.57 6.60 -0.80
N ARG A 253 24.18 7.70 -1.24
CA ARG A 253 24.25 8.10 -2.60
C ARG A 253 24.89 7.05 -3.46
N ALA A 254 25.95 6.43 -2.96
CA ALA A 254 26.62 5.31 -3.69
C ALA A 254 25.66 4.13 -3.87
N GLY A 255 24.76 3.95 -2.91
CA GLY A 255 23.70 2.97 -3.03
C GLY A 255 24.17 1.55 -2.83
N ASN A 256 23.27 0.63 -3.11
CA ASN A 256 23.58 -0.78 -2.98
C ASN A 256 22.86 -1.64 -4.01
N ALA A 257 22.73 -1.09 -5.22
CA ALA A 257 21.98 -1.76 -6.30
C ALA A 257 22.67 -3.07 -6.74
N LYS A 258 23.96 -3.21 -6.51
CA LYS A 258 24.65 -4.45 -6.89
C LYS A 258 24.80 -5.41 -5.74
N ALA A 259 24.32 -5.04 -4.54
CA ALA A 259 24.41 -5.86 -3.37
C ALA A 259 23.14 -6.61 -3.09
N HIS B 1 10.42 -12.63 10.69
CA HIS B 1 9.06 -13.22 10.86
C HIS B 1 8.01 -12.13 11.15
N LEU B 2 7.96 -11.13 10.30
CA LEU B 2 6.99 -10.07 10.34
C LEU B 2 6.33 -9.99 8.96
N THR B 3 5.06 -9.55 8.89
CA THR B 3 4.40 -9.36 7.61
C THR B 3 3.63 -8.06 7.59
N MET B 4 3.69 -7.39 6.44
CA MET B 4 3.06 -6.07 6.33
C MET B 4 1.82 -6.19 5.47
N PRO B 5 0.70 -5.63 5.94
CA PRO B 5 -0.47 -5.58 5.12
C PRO B 5 -0.42 -4.34 4.25
N TYR B 6 -1.13 -4.41 3.14
CA TYR B 6 -1.46 -3.29 2.31
C TYR B 6 -2.97 -3.37 2.06
N VAL B 7 -3.65 -2.24 2.14
CA VAL B 7 -5.11 -2.18 2.05
C VAL B 7 -5.45 -1.36 0.83
N MET B 8 -6.44 -1.83 0.11
CA MET B 8 -7.04 -1.14 -1.04
C MET B 8 -8.53 -1.19 -0.83
N PRO B 9 -9.24 -0.18 -1.32
CA PRO B 9 -8.71 0.92 -2.14
C PRO B 9 -8.03 2.05 -1.35
N GLY B 10 -7.53 3.03 -2.08
CA GLY B 10 -6.73 4.14 -1.48
C GLY B 10 -7.52 5.04 -0.60
N ASP B 11 -6.85 5.60 0.42
CA ASP B 11 -7.51 6.47 1.38
C ASP B 11 -8.04 7.70 0.69
N GLY B 12 -9.30 7.98 0.90
CA GLY B 12 -9.92 9.16 0.34
C GLY B 12 -10.44 8.99 -1.07
N GLU B 13 -10.31 7.79 -1.63
CA GLU B 13 -10.75 7.58 -3.01
C GLU B 13 -12.26 7.43 -3.08
N VAL B 14 -12.79 7.68 -4.26
CA VAL B 14 -14.18 7.34 -4.65
C VAL B 14 -14.02 6.20 -5.68
N VAL B 15 -14.69 5.09 -5.40
CA VAL B 15 -14.56 3.89 -6.19
C VAL B 15 -15.95 3.44 -6.60
N GLY B 16 -16.01 2.53 -7.57
CA GLY B 16 -17.29 2.03 -8.12
C GLY B 16 -17.92 1.01 -7.20
N VAL B 17 -19.13 0.61 -7.60
CA VAL B 17 -19.97 -0.23 -6.81
C VAL B 17 -19.52 -1.67 -6.71
N GLY B 18 -18.51 -2.04 -7.49
CA GLY B 18 -18.00 -3.35 -7.40
C GLY B 18 -16.71 -3.46 -6.61
N GLU B 19 -16.18 -2.38 -6.05
CA GLU B 19 -14.87 -2.46 -5.44
C GLU B 19 -14.92 -3.18 -4.10
N PRO B 20 -14.23 -4.33 -3.99
CA PRO B 20 -14.10 -4.93 -2.65
C PRO B 20 -13.05 -4.24 -1.81
N VAL B 21 -13.15 -4.39 -0.49
CA VAL B 21 -12.01 -4.13 0.37
C VAL B 21 -10.98 -5.24 0.18
N ALA B 22 -9.71 -4.87 0.02
CA ALA B 22 -8.62 -5.81 -0.15
C ALA B 22 -7.52 -5.60 0.84
N ILE B 23 -7.04 -6.69 1.42
CA ILE B 23 -5.87 -6.64 2.29
C ILE B 23 -4.88 -7.64 1.78
N ARG B 24 -3.71 -7.17 1.35
CA ARG B 24 -2.75 -8.04 0.77
C ARG B 24 -1.54 -8.05 1.68
N PHE B 25 -1.03 -9.24 1.92
CA PHE B 25 0.15 -9.40 2.76
C PHE B 25 1.36 -9.76 1.91
N ASP B 26 2.57 -9.47 2.41
CA ASP B 26 3.78 -9.85 1.71
C ASP B 26 4.30 -11.19 2.11
N GLU B 27 3.55 -11.92 2.93
CA GLU B 27 3.89 -13.28 3.21
C GLU B 27 2.60 -14.11 3.25
N ASN B 28 2.73 -15.41 3.05
CA ASN B 28 1.61 -16.35 3.21
C ASN B 28 1.07 -16.29 4.65
N ILE B 29 -0.26 -16.26 4.76
CA ILE B 29 -0.90 -16.15 6.05
C ILE B 29 -1.25 -17.55 6.54
N ALA B 30 -0.63 -17.99 7.64
CA ALA B 30 -0.87 -19.37 8.10
C ALA B 30 -2.23 -19.46 8.78
N ASP B 31 -2.64 -18.39 9.47
CA ASP B 31 -3.87 -18.41 10.25
C ASP B 31 -4.79 -17.30 9.70
N ARG B 32 -5.56 -17.72 8.73
CA ARG B 32 -6.47 -16.80 8.01
C ARG B 32 -7.49 -16.19 8.94
N GLY B 33 -7.99 -17.00 9.88
CA GLY B 33 -8.98 -16.54 10.81
C GLY B 33 -8.42 -15.46 11.72
N ALA B 34 -7.13 -15.54 12.12
CA ALA B 34 -6.54 -14.46 12.88
C ALA B 34 -6.47 -13.14 12.11
N ALA B 35 -6.22 -13.22 10.80
CA ALA B 35 -6.21 -12.03 9.98
C ALA B 35 -7.58 -11.40 9.90
N GLU B 36 -8.57 -12.25 9.65
CA GLU B 36 -9.97 -11.79 9.53
C GLU B 36 -10.44 -11.04 10.77
N LYS B 37 -10.12 -11.59 11.95
CA LYS B 37 -10.51 -11.01 13.23
C LYS B 37 -9.77 -9.74 13.54
N ALA B 38 -8.64 -9.49 12.88
CA ALA B 38 -7.94 -8.25 13.06
C ALA B 38 -8.39 -7.09 12.19
N ILE B 39 -9.36 -7.32 11.29
CA ILE B 39 -9.77 -6.34 10.26
C ILE B 39 -11.18 -5.84 10.53
N LYS B 40 -11.32 -4.57 10.86
CA LYS B 40 -12.61 -4.02 11.21
C LYS B 40 -13.14 -3.14 10.11
N ILE B 41 -14.29 -3.53 9.55
CA ILE B 41 -14.89 -2.74 8.48
C ILE B 41 -16.22 -2.19 8.95
N THR B 42 -16.34 -0.89 8.84
CA THR B 42 -17.55 -0.17 9.17
C THR B 42 -18.11 0.50 7.89
N THR B 43 -19.38 0.30 7.67
CA THR B 43 -20.04 0.85 6.52
C THR B 43 -21.19 1.74 6.94
N ASN B 44 -21.42 2.81 6.18
CA ASN B 44 -22.54 3.71 6.39
C ASN B 44 -23.13 4.19 5.07
N PRO B 45 -24.35 3.78 4.73
CA PRO B 45 -25.22 2.90 5.56
C PRO B 45 -24.68 1.49 5.79
N PRO B 46 -24.94 0.91 6.97
CA PRO B 46 -24.42 -0.42 7.25
C PRO B 46 -24.95 -1.50 6.29
N VAL B 47 -24.05 -2.35 5.84
CA VAL B 47 -24.42 -3.48 4.99
C VAL B 47 -23.60 -4.65 5.44
N GLU B 48 -24.16 -5.85 5.35
CA GLU B 48 -23.43 -7.07 5.70
C GLU B 48 -22.39 -7.29 4.66
N GLY B 49 -21.23 -7.79 5.05
CA GLY B 49 -20.31 -8.35 4.08
C GLY B 49 -19.51 -9.44 4.70
N ALA B 50 -18.61 -10.03 3.95
CA ALA B 50 -17.83 -11.17 4.42
C ALA B 50 -16.46 -11.28 3.78
N PHE B 51 -15.55 -12.00 4.42
CA PHE B 51 -14.20 -12.25 3.90
C PHE B 51 -14.11 -13.50 3.05
N TYR B 52 -13.28 -13.42 2.04
CA TYR B 52 -12.91 -14.53 1.18
C TYR B 52 -11.49 -14.29 0.67
N TRP B 53 -10.70 -15.36 0.68
CA TRP B 53 -9.30 -15.32 0.33
C TRP B 53 -9.15 -15.69 -1.15
N LEU B 54 -8.44 -14.85 -1.88
CA LEU B 54 -8.14 -15.13 -3.27
C LEU B 54 -6.97 -16.06 -3.41
N ASN B 55 -6.11 -16.03 -2.42
CA ASN B 55 -4.90 -16.84 -2.44
C ASN B 55 -4.30 -16.76 -1.06
N ASN B 56 -3.10 -17.27 -0.84
CA ASN B 56 -2.56 -17.30 0.55
C ASN B 56 -2.09 -15.94 1.10
N ARG B 57 -2.04 -14.92 0.23
CA ARG B 57 -1.63 -13.60 0.63
C ARG B 57 -2.68 -12.49 0.59
N GLU B 58 -3.90 -12.77 0.16
CA GLU B 58 -4.85 -11.68 -0.06
C GLU B 58 -6.29 -12.08 0.25
N VAL B 59 -6.92 -11.27 1.09
CA VAL B 59 -8.28 -11.50 1.52
C VAL B 59 -9.07 -10.37 0.96
N ARG B 60 -10.31 -10.65 0.61
CA ARG B 60 -11.22 -9.63 0.16
C ARG B 60 -12.47 -9.61 1.02
N TRP B 61 -13.13 -8.44 1.07
CA TRP B 61 -14.41 -8.32 1.75
C TRP B 61 -15.36 -7.55 0.92
N ARG B 62 -16.60 -8.03 0.82
CA ARG B 62 -17.57 -7.35 0.00
C ARG B 62 -18.97 -7.71 0.48
N PRO B 63 -19.98 -6.92 0.12
CA PRO B 63 -21.35 -7.35 0.40
C PRO B 63 -21.91 -8.37 -0.68
N GLU B 64 -23.14 -8.77 -0.46
CA GLU B 64 -23.85 -9.76 -1.27
C GLU B 64 -24.14 -9.17 -2.65
N HIS B 65 -24.49 -7.87 -2.68
CA HIS B 65 -24.78 -7.15 -3.90
C HIS B 65 -23.78 -6.00 -4.03
N PHE B 66 -23.74 -5.45 -5.23
CA PHE B 66 -22.94 -4.25 -5.47
C PHE B 66 -23.26 -3.18 -4.41
N TRP B 67 -22.27 -2.38 -4.06
CA TRP B 67 -22.46 -1.38 -3.03
C TRP B 67 -23.50 -0.34 -3.49
N LYS B 68 -24.13 0.28 -2.49
CA LYS B 68 -25.00 1.41 -2.74
C LYS B 68 -24.16 2.68 -2.93
N PRO B 69 -24.43 3.42 -4.02
CA PRO B 69 -23.71 4.70 -4.25
C PRO B 69 -23.84 5.62 -2.99
N GLY B 70 -22.76 6.28 -2.64
CA GLY B 70 -22.75 7.09 -1.44
C GLY B 70 -22.32 6.45 -0.17
N THR B 71 -22.24 5.13 -0.15
CA THR B 71 -21.83 4.42 1.04
C THR B 71 -20.43 4.82 1.41
N ALA B 72 -20.20 5.09 2.70
CA ALA B 72 -18.87 5.46 3.19
C ALA B 72 -18.34 4.23 3.88
N VAL B 73 -17.07 3.93 3.66
CA VAL B 73 -16.47 2.72 4.18
C VAL B 73 -15.18 3.03 4.92
N ASP B 74 -15.09 2.52 6.14
CA ASP B 74 -13.87 2.65 6.93
C ASP B 74 -13.25 1.29 7.18
N VAL B 75 -11.94 1.19 7.00
CA VAL B 75 -11.26 -0.10 7.13
C VAL B 75 -10.11 0.11 8.13
N ALA B 76 -10.15 -0.63 9.23
CA ALA B 76 -9.05 -0.65 10.21
C ALA B 76 -8.39 -2.01 10.17
N VAL B 77 -7.22 -2.09 9.59
CA VAL B 77 -6.46 -3.35 9.53
C VAL B 77 -5.52 -3.32 10.77
N ASN B 78 -6.03 -3.84 11.86
CA ASN B 78 -5.36 -3.79 13.17
C ASN B 78 -4.49 -4.99 13.43
N THR B 79 -3.51 -5.14 12.57
CA THR B 79 -2.65 -6.29 12.57
C THR B 79 -1.32 -6.12 13.35
N TYR B 80 -1.07 -4.94 13.92
CA TYR B 80 0.19 -4.77 14.70
C TYR B 80 0.22 -5.80 15.82
N GLY B 81 1.25 -6.60 15.88
CA GLY B 81 1.45 -7.51 16.99
C GLY B 81 0.58 -8.74 16.94
N VAL B 82 -0.19 -8.93 15.85
CA VAL B 82 -1.06 -10.05 15.77
C VAL B 82 -0.28 -11.21 15.29
N ASP B 83 -0.50 -12.36 15.93
CA ASP B 83 0.17 -13.61 15.56
C ASP B 83 -0.59 -14.17 14.40
N LEU B 84 -0.02 -14.15 13.23
CA LEU B 84 -0.73 -14.65 12.06
C LEU B 84 -0.39 -16.09 11.79
N GLY B 85 0.30 -16.72 12.74
CA GLY B 85 0.59 -18.17 12.69
C GLY B 85 1.98 -18.48 12.18
N GLU B 86 2.50 -19.61 12.63
CA GLU B 86 3.85 -20.06 12.24
C GLU B 86 4.92 -19.03 12.58
N GLY B 87 4.72 -18.38 13.71
CA GLY B 87 5.61 -17.35 14.15
C GLY B 87 5.64 -16.07 13.34
N MET B 88 4.61 -15.79 12.58
CA MET B 88 4.64 -14.58 11.79
C MET B 88 3.76 -13.52 12.44
N PHE B 89 4.28 -12.32 12.67
CA PHE B 89 3.51 -11.29 13.37
C PHE B 89 3.28 -10.10 12.47
N GLY B 90 2.12 -9.47 12.61
CA GLY B 90 1.83 -8.29 11.84
C GLY B 90 2.70 -7.12 12.24
N GLU B 91 3.18 -6.43 11.23
CA GLU B 91 4.13 -5.36 11.36
C GLU B 91 3.54 -4.06 11.90
N ASP B 92 2.37 -3.72 11.38
CA ASP B 92 1.77 -2.41 11.62
C ASP B 92 0.29 -2.52 11.36
N ASN B 93 -0.43 -1.47 11.74
CA ASN B 93 -1.78 -1.29 11.35
C ASN B 93 -1.81 -0.44 10.11
N VAL B 94 -2.77 -0.69 9.25
CA VAL B 94 -3.03 0.25 8.17
C VAL B 94 -4.49 0.59 8.20
N GLN B 95 -4.83 1.67 7.56
CA GLN B 95 -6.21 2.01 7.47
C GLN B 95 -6.59 2.68 6.15
N THR B 96 -7.90 2.70 5.89
CA THR B 96 -8.42 3.44 4.75
C THR B 96 -9.87 3.87 4.95
N HIS B 97 -10.22 5.04 4.48
CA HIS B 97 -11.58 5.49 4.35
C HIS B 97 -11.85 5.76 2.88
N PHE B 98 -12.98 5.27 2.34
CA PHE B 98 -13.35 5.61 0.98
C PHE B 98 -14.86 5.72 0.81
N THR B 99 -15.28 6.15 -0.38
CA THR B 99 -16.67 6.43 -0.68
C THR B 99 -17.07 5.73 -1.99
N ILE B 100 -18.25 5.14 -2.00
CA ILE B 100 -18.77 4.54 -3.21
C ILE B 100 -19.34 5.60 -4.13
N GLY B 101 -18.93 5.57 -5.40
CA GLY B 101 -19.40 6.47 -6.45
C GLY B 101 -20.70 6.08 -7.09
N ASP B 102 -21.00 6.72 -8.23
CA ASP B 102 -22.17 6.34 -9.02
C ASP B 102 -22.09 4.88 -9.44
N GLU B 103 -23.27 4.29 -9.62
CA GLU B 103 -23.44 2.94 -10.22
C GLU B 103 -23.10 3.00 -11.67
N VAL B 104 -21.96 2.41 -12.07
CA VAL B 104 -21.56 2.39 -13.45
C VAL B 104 -21.34 0.93 -13.81
N ILE B 105 -22.21 0.44 -14.70
CA ILE B 105 -22.17 -0.97 -15.10
C ILE B 105 -22.17 -1.02 -16.63
N ALA B 106 -21.14 -1.61 -17.20
CA ALA B 106 -20.98 -1.67 -18.64
C ALA B 106 -21.19 -3.14 -19.03
N THR B 107 -22.13 -3.41 -19.93
CA THR B 107 -22.41 -4.76 -20.37
C THR B 107 -21.97 -4.94 -21.84
N ALA B 108 -21.12 -5.92 -22.04
CA ALA B 108 -20.62 -6.34 -23.39
C ALA B 108 -21.31 -7.59 -23.73
N ASP B 109 -22.19 -7.50 -24.69
CA ASP B 109 -23.09 -8.63 -25.07
C ASP B 109 -22.63 -9.20 -26.37
N ASP B 110 -22.14 -10.43 -26.37
CA ASP B 110 -21.63 -11.04 -27.60
C ASP B 110 -22.68 -11.24 -28.69
N ASN B 111 -23.96 -11.28 -28.33
CA ASN B 111 -25.03 -11.45 -29.33
C ASN B 111 -25.28 -10.15 -30.11
N THR B 112 -25.03 -9.00 -29.50
CA THR B 112 -25.09 -7.72 -30.20
C THR B 112 -23.73 -7.18 -30.55
N LYS B 113 -22.67 -7.65 -29.90
CA LYS B 113 -21.33 -7.07 -30.08
C LYS B 113 -21.30 -5.58 -29.79
N ILE B 114 -22.07 -5.19 -28.76
CA ILE B 114 -22.13 -3.86 -28.25
C ILE B 114 -21.81 -3.87 -26.76
N LEU B 115 -20.94 -2.97 -26.34
CA LEU B 115 -20.63 -2.64 -24.94
C LEU B 115 -21.43 -1.37 -24.54
N THR B 116 -22.43 -1.55 -23.68
CA THR B 116 -23.35 -0.50 -23.27
C THR B 116 -22.98 -0.06 -21.85
N VAL B 117 -22.72 1.24 -21.67
CA VAL B 117 -22.36 1.74 -20.32
C VAL B 117 -23.62 2.41 -19.78
N ARG B 118 -24.06 1.97 -18.61
CA ARG B 118 -25.21 2.54 -17.93
C ARG B 118 -24.74 3.17 -16.63
N VAL B 119 -25.14 4.39 -16.37
CA VAL B 119 -24.79 5.09 -15.15
C VAL B 119 -26.10 5.32 -14.42
N ASN B 120 -26.21 4.77 -13.22
CA ASN B 120 -27.44 4.79 -12.46
C ASN B 120 -28.67 4.35 -13.27
N GLY B 121 -28.49 3.30 -14.07
CA GLY B 121 -29.55 2.70 -14.88
C GLY B 121 -29.69 3.28 -16.26
N GLU B 122 -29.14 4.45 -16.55
CA GLU B 122 -29.33 5.11 -17.84
C GLU B 122 -28.21 4.84 -18.82
N VAL B 123 -28.57 4.51 -20.07
CA VAL B 123 -27.56 4.28 -21.06
C VAL B 123 -26.89 5.59 -21.37
N VAL B 124 -25.57 5.64 -21.28
CA VAL B 124 -24.86 6.87 -21.63
C VAL B 124 -23.91 6.73 -22.79
N LYS B 125 -23.48 5.50 -23.06
CA LYS B 125 -22.68 5.17 -24.22
C LYS B 125 -23.01 3.82 -24.75
N SER B 126 -22.85 3.66 -26.05
CA SER B 126 -22.99 2.38 -26.74
C SER B 126 -21.78 2.24 -27.64
N MET B 127 -21.04 1.15 -27.49
CA MET B 127 -19.76 1.00 -28.18
C MET B 127 -19.72 -0.36 -28.86
N PRO B 128 -19.62 -0.37 -30.19
CA PRO B 128 -19.31 -1.62 -30.85
C PRO B 128 -18.05 -2.26 -30.34
N THR B 129 -18.03 -3.60 -30.22
CA THR B 129 -16.86 -4.22 -29.71
C THR B 129 -16.50 -5.45 -30.53
N SER B 130 -15.25 -5.79 -30.47
CA SER B 130 -14.72 -7.06 -30.97
C SER B 130 -14.01 -7.73 -29.83
N MET B 131 -14.53 -8.89 -29.41
CA MET B 131 -13.97 -9.64 -28.23
C MET B 131 -13.10 -10.81 -28.68
N GLY B 132 -12.78 -11.71 -27.76
CA GLY B 132 -11.95 -12.87 -28.04
C GLY B 132 -12.55 -13.71 -29.16
N LYS B 133 -11.70 -14.00 -30.13
CA LYS B 133 -12.10 -14.88 -31.25
C LYS B 133 -12.48 -16.25 -30.70
N ASP B 134 -13.17 -17.04 -31.51
CA ASP B 134 -13.75 -18.31 -31.05
C ASP B 134 -12.79 -19.24 -30.34
N SER B 135 -11.51 -19.27 -30.76
CA SER B 135 -10.52 -20.17 -30.18
C SER B 135 -9.92 -19.63 -28.90
N THR B 136 -10.00 -18.31 -28.68
CA THR B 136 -9.51 -17.71 -27.43
C THR B 136 -10.58 -16.72 -26.94
N PRO B 137 -11.74 -17.21 -26.55
CA PRO B 137 -12.86 -16.31 -26.27
C PRO B 137 -12.68 -15.50 -24.99
N THR B 138 -13.42 -14.39 -24.91
CA THR B 138 -13.56 -13.67 -23.62
C THR B 138 -14.51 -14.41 -22.72
N ALA B 139 -14.13 -14.64 -21.50
CA ALA B 139 -14.96 -15.40 -20.56
C ALA B 139 -16.14 -14.47 -20.17
N ASN B 140 -17.30 -15.04 -20.03
CA ASN B 140 -18.45 -14.39 -19.47
C ASN B 140 -18.25 -14.16 -17.97
N GLY B 141 -18.94 -13.17 -17.41
CA GLY B 141 -18.93 -12.96 -15.96
C GLY B 141 -18.82 -11.48 -15.62
N ILE B 142 -18.60 -11.22 -14.34
CA ILE B 142 -18.62 -9.89 -13.79
C ILE B 142 -17.13 -9.58 -13.52
N TYR B 143 -16.68 -8.51 -14.14
CA TYR B 143 -15.30 -8.05 -14.07
C TYR B 143 -15.31 -6.71 -13.30
N ILE B 144 -14.39 -6.54 -12.33
CA ILE B 144 -14.19 -5.28 -11.64
C ILE B 144 -13.13 -4.46 -12.38
N VAL B 145 -13.48 -3.23 -12.70
CA VAL B 145 -12.47 -2.30 -13.27
C VAL B 145 -11.33 -2.05 -12.31
N GLY B 146 -10.12 -2.14 -12.85
CA GLY B 146 -8.88 -1.94 -12.17
C GLY B 146 -8.17 -0.71 -12.68
N SER B 147 -6.89 -0.83 -12.99
CA SER B 147 -6.14 0.35 -13.35
C SER B 147 -6.34 0.81 -14.75
N ARG B 148 -5.84 2.00 -15.07
CA ARG B 148 -5.96 2.50 -16.43
C ARG B 148 -4.66 3.07 -16.95
N TYR B 149 -4.49 3.05 -18.25
CA TYR B 149 -3.20 3.37 -18.89
C TYR B 149 -3.46 4.18 -20.14
N LYS B 150 -2.90 5.38 -20.20
CA LYS B 150 -3.07 6.20 -21.40
C LYS B 150 -2.38 5.50 -22.56
N HIS B 151 -1.24 4.88 -22.32
CA HIS B 151 -0.59 4.13 -23.33
C HIS B 151 0.18 3.00 -22.69
N ILE B 152 0.19 1.83 -23.31
CA ILE B 152 1.10 0.77 -22.80
C ILE B 152 1.40 -0.19 -23.87
N ILE B 153 2.51 -0.88 -23.67
CA ILE B 153 2.82 -2.00 -24.53
C ILE B 153 2.15 -3.17 -23.86
N MET B 154 1.15 -3.76 -24.50
CA MET B 154 0.49 -4.90 -23.96
C MET B 154 1.34 -6.08 -24.36
N ASP B 155 1.93 -6.80 -23.42
CA ASP B 155 2.89 -7.85 -23.78
C ASP B 155 2.59 -9.09 -22.96
N SER B 156 2.15 -10.15 -23.64
CA SER B 156 1.70 -11.36 -23.01
C SER B 156 2.75 -12.02 -22.21
N SER B 157 4.02 -11.78 -22.54
CA SER B 157 5.07 -12.38 -21.72
C SER B 157 5.14 -11.78 -20.36
N THR B 158 4.53 -10.62 -20.15
CA THR B 158 4.29 -10.06 -18.83
C THR B 158 3.48 -11.00 -17.99
N TYR B 159 2.54 -11.69 -18.63
CA TYR B 159 1.61 -12.63 -17.95
C TYR B 159 2.11 -14.08 -18.12
N GLY B 160 3.37 -14.30 -18.54
CA GLY B 160 3.94 -15.67 -18.62
C GLY B 160 3.60 -16.40 -19.93
N VAL B 161 2.97 -15.70 -20.88
CA VAL B 161 2.63 -16.30 -22.17
C VAL B 161 3.54 -15.70 -23.22
N PRO B 162 4.38 -16.50 -23.82
CA PRO B 162 5.32 -15.99 -24.86
C PRO B 162 4.58 -15.37 -26.04
N VAL B 163 5.20 -14.38 -26.67
CA VAL B 163 4.55 -13.64 -27.75
C VAL B 163 4.22 -14.50 -28.98
N ASN B 164 5.15 -15.37 -29.37
CA ASN B 164 4.87 -16.22 -30.54
C ASN B 164 4.24 -17.55 -30.12
N SER B 165 3.89 -17.67 -28.82
CA SER B 165 3.01 -18.73 -28.37
C SER B 165 1.75 -18.43 -29.15
N PRO B 166 0.83 -19.40 -29.35
CA PRO B 166 -0.27 -19.04 -30.21
C PRO B 166 -1.05 -17.81 -29.76
N ASN B 167 -1.32 -17.69 -28.48
CA ASN B 167 -2.07 -16.56 -28.00
C ASN B 167 -1.26 -15.44 -27.36
N GLY B 168 0.01 -15.33 -27.72
CA GLY B 168 0.83 -14.25 -27.25
C GLY B 168 0.57 -13.02 -28.06
N TYR B 169 1.11 -11.92 -27.59
CA TYR B 169 0.95 -10.62 -28.24
C TYR B 169 1.94 -9.71 -27.64
N ARG B 170 2.40 -8.75 -28.43
CA ARG B 170 3.17 -7.60 -27.99
C ARG B 170 2.62 -6.48 -28.86
N THR B 171 1.89 -5.54 -28.27
CA THR B 171 1.21 -4.52 -29.08
C THR B 171 1.13 -3.26 -28.27
N ASP B 172 1.45 -2.16 -28.92
CA ASP B 172 1.30 -0.88 -28.28
C ASP B 172 -0.13 -0.48 -28.40
N VAL B 173 -0.80 -0.12 -27.28
CA VAL B 173 -2.17 0.32 -27.39
C VAL B 173 -2.41 1.56 -26.59
N ASP B 174 -3.44 2.28 -27.00
CA ASP B 174 -3.83 3.44 -26.30
C ASP B 174 -5.11 3.19 -25.49
N TRP B 175 -5.31 4.01 -24.47
CA TRP B 175 -6.52 4.10 -23.67
C TRP B 175 -6.97 2.72 -23.19
N ALA B 176 -6.15 2.13 -22.37
CA ALA B 176 -6.35 0.77 -21.88
C ALA B 176 -6.87 0.74 -20.44
N THR B 177 -8.01 0.07 -20.23
CA THR B 177 -8.58 -0.05 -18.90
C THR B 177 -8.56 -1.51 -18.51
N GLN B 178 -7.92 -1.84 -17.40
CA GLN B 178 -7.77 -3.23 -16.96
C GLN B 178 -9.08 -3.71 -16.35
N ILE B 179 -9.49 -4.94 -16.70
CA ILE B 179 -10.68 -5.53 -16.10
C ILE B 179 -10.44 -6.93 -15.54
N SER B 180 -9.25 -7.52 -15.77
CA SER B 180 -8.87 -8.76 -15.05
C SER B 180 -7.35 -8.77 -14.79
N TYR B 181 -6.94 -9.45 -13.72
CA TYR B 181 -5.50 -9.61 -13.44
C TYR B 181 -4.84 -10.53 -14.49
N SER B 182 -5.63 -11.37 -15.17
CA SER B 182 -5.17 -12.16 -16.27
C SER B 182 -4.83 -11.34 -17.50
N GLY B 183 -5.09 -10.01 -17.47
CA GLY B 183 -4.72 -9.14 -18.57
C GLY B 183 -5.80 -8.88 -19.61
N VAL B 184 -7.08 -9.03 -19.24
CA VAL B 184 -8.16 -8.58 -20.12
C VAL B 184 -8.33 -7.05 -19.91
N PHE B 185 -8.39 -6.31 -21.00
CA PHE B 185 -8.57 -4.90 -21.04
C PHE B 185 -9.68 -4.48 -22.00
N VAL B 186 -10.26 -3.34 -21.73
CA VAL B 186 -11.00 -2.59 -22.74
C VAL B 186 -9.93 -1.61 -23.27
N HIS B 187 -9.68 -1.58 -24.57
CA HIS B 187 -8.73 -0.68 -25.18
C HIS B 187 -9.03 -0.25 -26.59
N SER B 188 -8.24 0.72 -27.10
CA SER B 188 -8.42 1.22 -28.41
C SER B 188 -7.79 0.17 -29.37
N ALA B 189 -8.47 -0.09 -30.49
CA ALA B 189 -8.06 -1.08 -31.47
C ALA B 189 -8.45 -0.58 -32.87
N PRO B 190 -7.73 0.43 -33.37
CA PRO B 190 -8.03 0.97 -34.68
C PRO B 190 -8.09 -0.10 -35.79
N TRP B 191 -7.25 -1.12 -35.67
CA TRP B 191 -7.15 -2.22 -36.64
C TRP B 191 -8.40 -3.07 -36.75
N SER B 192 -9.24 -3.11 -35.71
CA SER B 192 -10.46 -3.93 -35.74
C SER B 192 -11.74 -3.14 -35.75
N VAL B 193 -11.69 -1.83 -36.06
CA VAL B 193 -12.91 -1.04 -36.10
C VAL B 193 -13.91 -1.58 -37.12
N GLY B 194 -13.41 -2.10 -38.24
CA GLY B 194 -14.32 -2.77 -39.15
C GLY B 194 -15.07 -3.95 -38.54
N ALA B 195 -14.33 -4.81 -37.82
CA ALA B 195 -14.89 -5.97 -37.17
C ALA B 195 -15.78 -5.64 -35.95
N GLN B 196 -15.52 -4.50 -35.31
CA GLN B 196 -16.20 -4.20 -34.02
C GLN B 196 -17.68 -4.08 -34.30
N GLY B 197 -18.47 -4.76 -33.49
CA GLY B 197 -19.94 -4.87 -33.77
C GLY B 197 -20.34 -6.01 -34.70
N HIS B 198 -19.37 -6.76 -35.20
CA HIS B 198 -19.64 -7.82 -36.17
C HIS B 198 -18.90 -9.10 -35.89
N THR B 199 -17.58 -9.06 -35.70
CA THR B 199 -16.86 -10.31 -35.47
C THR B 199 -15.80 -10.19 -34.39
N ASN B 200 -15.58 -11.29 -33.69
CA ASN B 200 -14.59 -11.32 -32.64
C ASN B 200 -13.20 -11.68 -33.21
N THR B 201 -12.18 -10.91 -32.87
CA THR B 201 -10.87 -11.06 -33.44
C THR B 201 -9.80 -11.11 -32.46
N SER B 202 -10.07 -10.82 -31.18
CA SER B 202 -8.98 -10.57 -30.26
C SER B 202 -8.52 -11.81 -29.54
N HIS B 203 -7.60 -11.60 -28.62
CA HIS B 203 -7.08 -12.67 -27.79
C HIS B 203 -7.86 -12.80 -26.50
N GLY B 204 -8.83 -11.92 -26.31
CA GLY B 204 -9.59 -11.91 -25.06
C GLY B 204 -9.97 -10.52 -24.64
N CYS B 205 -9.17 -9.51 -25.00
CA CYS B 205 -9.56 -8.17 -24.80
C CYS B 205 -10.80 -7.68 -25.53
N LEU B 206 -11.41 -6.65 -24.93
CA LEU B 206 -12.53 -5.95 -25.53
C LEU B 206 -11.99 -4.82 -26.37
N ASN B 207 -11.91 -5.03 -27.69
CA ASN B 207 -11.47 -4.03 -28.60
C ASN B 207 -12.61 -3.05 -28.85
N VAL B 208 -12.35 -1.76 -28.77
CA VAL B 208 -13.32 -0.75 -29.18
C VAL B 208 -12.56 0.33 -29.96
N SER B 209 -13.30 1.30 -30.43
CA SER B 209 -12.72 2.38 -31.28
C SER B 209 -11.82 3.25 -30.42
N PRO B 210 -10.89 3.98 -31.04
CA PRO B 210 -10.05 4.88 -30.25
C PRO B 210 -10.87 5.88 -29.44
N SER B 211 -11.89 6.44 -30.07
CA SER B 211 -12.69 7.39 -29.40
C SER B 211 -13.43 6.76 -28.19
N ASN B 212 -13.97 5.57 -28.41
CA ASN B 212 -14.70 4.86 -27.34
C ASN B 212 -13.81 4.40 -26.20
N ALA B 213 -12.59 3.97 -26.52
CA ALA B 213 -11.63 3.57 -25.53
C ALA B 213 -11.20 4.73 -24.65
N GLN B 214 -11.01 5.89 -25.28
CA GLN B 214 -10.66 7.08 -24.53
C GLN B 214 -11.78 7.49 -23.61
N TRP B 215 -12.99 7.43 -24.14
CA TRP B 215 -14.19 7.66 -23.32
C TRP B 215 -14.21 6.77 -22.10
N PHE B 216 -13.97 5.47 -22.30
CA PHE B 216 -13.94 4.52 -21.22
C PHE B 216 -12.86 4.86 -20.19
N TYR B 217 -11.66 5.15 -20.69
CA TYR B 217 -10.54 5.55 -19.86
C TYR B 217 -10.88 6.81 -19.02
N ASP B 218 -11.53 7.77 -19.66
CA ASP B 218 -11.85 9.05 -19.03
C ASP B 218 -12.99 8.93 -18.01
N HIS B 219 -13.94 8.06 -18.27
CA HIS B 219 -15.19 8.07 -17.48
C HIS B 219 -15.45 6.87 -16.56
N VAL B 220 -14.74 5.78 -16.69
CA VAL B 220 -14.97 4.60 -15.91
C VAL B 220 -13.82 4.55 -14.92
N LYS B 221 -14.13 4.33 -13.65
CA LYS B 221 -13.14 4.33 -12.61
C LYS B 221 -12.93 2.98 -11.96
N ARG B 222 -11.87 2.92 -11.13
CA ARG B 222 -11.60 1.72 -10.35
C ARG B 222 -12.84 1.31 -9.57
N GLY B 223 -13.21 0.04 -9.70
CA GLY B 223 -14.35 -0.49 -9.00
C GLY B 223 -15.66 -0.44 -9.72
N ASP B 224 -15.75 0.23 -10.85
CA ASP B 224 -16.94 0.13 -11.71
C ASP B 224 -17.00 -1.30 -12.24
N ILE B 225 -18.12 -1.68 -12.85
CA ILE B 225 -18.36 -3.05 -13.30
C ILE B 225 -18.44 -3.17 -14.81
N VAL B 226 -17.80 -4.20 -15.35
CA VAL B 226 -18.05 -4.69 -16.74
C VAL B 226 -18.59 -6.07 -16.63
N GLU B 227 -19.74 -6.30 -17.27
CA GLU B 227 -20.34 -7.68 -17.36
C GLU B 227 -20.28 -8.12 -18.79
N VAL B 228 -19.68 -9.27 -18.98
CA VAL B 228 -19.59 -9.94 -20.30
C VAL B 228 -20.63 -11.06 -20.29
N VAL B 229 -21.52 -11.03 -21.31
CA VAL B 229 -22.56 -11.99 -21.46
C VAL B 229 -22.59 -12.56 -22.85
N ASN B 230 -23.03 -13.81 -22.92
CA ASN B 230 -23.35 -14.49 -24.18
C ASN B 230 -22.14 -14.94 -25.06
N THR B 231 -20.91 -14.85 -24.56
CA THR B 231 -19.78 -15.34 -25.34
C THR B 231 -19.80 -16.85 -25.32
N VAL B 232 -18.99 -17.44 -26.21
CA VAL B 232 -18.75 -18.88 -26.25
C VAL B 232 -17.70 -19.31 -25.23
N GLY B 233 -17.26 -18.41 -24.34
CA GLY B 233 -16.21 -18.74 -23.41
C GLY B 233 -16.73 -19.36 -22.12
N GLY B 234 -15.82 -19.55 -21.20
CA GLY B 234 -16.14 -20.03 -19.84
C GLY B 234 -16.58 -18.86 -18.95
N THR B 235 -16.29 -18.97 -17.67
CA THR B 235 -16.60 -17.95 -16.68
C THR B 235 -15.33 -17.44 -16.09
N LEU B 236 -15.23 -16.12 -15.92
CA LEU B 236 -14.03 -15.56 -15.31
C LEU B 236 -13.87 -16.17 -13.91
N PRO B 237 -12.66 -16.66 -13.57
CA PRO B 237 -12.46 -17.24 -12.21
C PRO B 237 -12.80 -16.25 -11.09
N GLY B 238 -13.49 -16.72 -10.06
CA GLY B 238 -13.69 -15.91 -8.86
C GLY B 238 -12.46 -15.39 -8.21
N ILE B 239 -11.38 -16.14 -8.32
CA ILE B 239 -10.06 -15.77 -7.72
C ILE B 239 -9.06 -15.10 -8.63
N ASP B 240 -9.55 -14.52 -9.74
CA ASP B 240 -8.70 -13.84 -10.71
C ASP B 240 -7.93 -12.71 -10.11
N GLY B 241 -8.61 -11.94 -9.26
CA GLY B 241 -8.06 -10.71 -8.70
C GLY B 241 -9.10 -9.60 -8.90
N LEU B 242 -9.82 -9.63 -10.03
CA LEU B 242 -10.94 -8.73 -10.32
C LEU B 242 -12.22 -9.50 -10.63
N GLY B 243 -12.24 -10.78 -10.23
CA GLY B 243 -13.37 -11.62 -10.51
C GLY B 243 -14.27 -11.97 -9.38
N ASP B 244 -14.13 -11.24 -8.28
CA ASP B 244 -14.77 -11.63 -6.99
C ASP B 244 -16.25 -11.89 -7.10
N TRP B 245 -16.97 -11.15 -7.95
CA TRP B 245 -18.43 -11.21 -7.98
C TRP B 245 -18.91 -12.50 -8.67
N ASN B 246 -18.03 -13.26 -9.30
CA ASN B 246 -18.45 -14.53 -9.92
C ASN B 246 -18.58 -15.62 -8.89
N ILE B 247 -18.10 -15.38 -7.66
CA ILE B 247 -18.35 -16.33 -6.56
C ILE B 247 -19.75 -16.03 -6.00
N PRO B 248 -20.68 -17.03 -6.03
CA PRO B 248 -21.98 -16.76 -5.45
C PRO B 248 -21.88 -16.33 -3.97
N TRP B 249 -22.80 -15.50 -3.52
CA TRP B 249 -22.77 -15.01 -2.15
C TRP B 249 -22.72 -16.14 -1.14
N ASP B 250 -23.53 -17.20 -1.33
CA ASP B 250 -23.52 -18.27 -0.33
C ASP B 250 -22.13 -18.85 -0.13
N GLN B 251 -21.38 -19.02 -1.21
CA GLN B 251 -20.03 -19.52 -1.13
C GLN B 251 -19.06 -18.50 -0.59
N TRP B 252 -19.19 -17.26 -1.04
CA TRP B 252 -18.34 -16.19 -0.56
C TRP B 252 -18.50 -16.02 0.96
N ARG B 253 -19.75 -15.89 1.38
CA ARG B 253 -20.09 -15.66 2.76
C ARG B 253 -19.55 -16.77 3.63
N ALA B 254 -19.68 -18.02 3.17
CA ALA B 254 -19.19 -19.12 3.98
C ALA B 254 -17.67 -19.04 4.17
N GLY B 255 -16.98 -18.32 3.27
CA GLY B 255 -15.56 -18.04 3.43
C GLY B 255 -14.69 -19.26 3.17
N ASN B 256 -13.39 -19.06 3.33
CA ASN B 256 -12.40 -20.15 3.12
C ASN B 256 -11.26 -20.02 4.04
N ALA B 257 -11.55 -19.66 5.28
CA ALA B 257 -10.52 -19.44 6.31
C ALA B 257 -9.70 -20.70 6.67
N LYS B 258 -10.24 -21.88 6.41
CA LYS B 258 -9.49 -23.10 6.64
C LYS B 258 -8.81 -23.68 5.43
N ALA B 259 -9.10 -23.17 4.25
CA ALA B 259 -8.43 -23.64 3.05
C ALA B 259 -7.08 -22.99 3.12
#